data_2FPY
#
_entry.id   2FPY
#
_cell.length_a   90.295
_cell.length_b   90.295
_cell.length_c   122.695
_cell.angle_alpha   90.00
_cell.angle_beta   90.00
_cell.angle_gamma   120.00
#
_symmetry.space_group_name_H-M   'P 32 2 1'
#
loop_
_entity.id
_entity.type
_entity.pdbx_description
1 polymer 'Dihydroorotate dehydrogenase, mitochondrial precursor'
2 non-polymer 'ACETATE ION'
3 non-polymer 'SULFATE ION'
4 non-polymer 'FLAVIN MONONUCLEOTIDE'
5 non-polymer 'OROTIC ACID'
6 non-polymer "3-({[3,5-DIFLUORO-3'-(TRIFLUOROMETHOXY)BIPHENYL-4-YL]AMINO}CARBONYL)THIOPHENE-2-CARBOXYLIC ACID"
7 water water
#
_entity_poly.entity_id   1
_entity_poly.type   'polypeptide(L)'
_entity_poly.pdbx_seq_one_letter_code
;MGHHHHHHHHHHSSGHIDDDDKHMLEDPMATGDERFYAEHLMPTLQGLLDPESAHRLAVRFTSLGLLPRARFQDSDMLEV
RVLGHKFRNPVGIAAGFDKHGEAVDGLYKMGFGFVEIGSVTPKPQEGNPRPRVFRLPEDQAVINRYGFNSHGLSVVEHRL
RARQQKQAKLTEDGLPLGVNLGKNKTSVDAAEDYAEGVRVLGPLADYLVVNVSSPNTAGLRSLQGKAELRRLLTKVLQER
DGLRRVHRPAVLVKIAPDLTSQDKEDIASVVKELGIDGLIVTNTTVSRPAGLQGALRSETGGLSGKPLRDLSTQTIREMY
ALTQGRVPIIGVGGVSSGQDALEKIRAGASLVQLYTALTFWGPPVVGKVKRELEALLKEQGFGGVTDAIGADHRR
;
_entity_poly.pdbx_strand_id   A
#
loop_
_chem_comp.id
_chem_comp.type
_chem_comp.name
_chem_comp.formula
ACT non-polymer 'ACETATE ION' 'C2 H3 O2 -1'
FMN non-polymer 'FLAVIN MONONUCLEOTIDE' 'C17 H21 N4 O9 P'
ILF non-polymer '3-({[3,5-DIFLUORO-3'-(TRIFLUOROMETHOXY)BIPHENYL-4-YL]AMINO}CARBONYL)THIOPHENE-2-CARBOXYLIC ACID' 'C19 H10 F5 N O4 S'
ORO non-polymer 'OROTIC ACID' 'C5 H4 N2 O4'
SO4 non-polymer 'SULFATE ION' 'O4 S -2'
#
# COMPACT_ATOMS: atom_id res chain seq x y z
N GLY A 32 -7.66 -7.12 23.30
CA GLY A 32 -6.85 -7.40 22.09
C GLY A 32 -5.36 -7.48 22.39
N ASP A 33 -4.96 -8.53 23.10
CA ASP A 33 -3.57 -8.71 23.45
C ASP A 33 -2.72 -9.10 22.24
N GLU A 34 -1.65 -8.35 22.02
CA GLU A 34 -0.75 -8.60 20.90
C GLU A 34 -0.20 -10.02 20.93
N ARG A 35 0.20 -10.46 22.11
CA ARG A 35 0.76 -11.80 22.28
C ARG A 35 -0.28 -12.89 22.07
N PHE A 36 -1.51 -12.66 22.48
CA PHE A 36 -2.57 -13.66 22.32
C PHE A 36 -2.87 -13.89 20.85
N TYR A 37 -2.95 -12.81 20.08
CA TYR A 37 -3.22 -12.92 18.65
C TYR A 37 -2.03 -13.54 17.93
N ALA A 38 -0.84 -13.07 18.26
CA ALA A 38 0.37 -13.57 17.65
C ALA A 38 0.68 -15.03 17.99
N GLU A 39 0.52 -15.39 19.25
CA GLU A 39 0.81 -16.76 19.68
C GLU A 39 -0.32 -17.78 19.60
N HIS A 40 -1.57 -17.36 19.75
CA HIS A 40 -2.66 -18.32 19.72
C HIS A 40 -3.76 -18.14 18.68
N LEU A 41 -4.42 -16.99 18.72
CA LEU A 41 -5.52 -16.72 17.80
C LEU A 41 -5.18 -16.88 16.33
N MET A 42 -4.24 -16.09 15.83
CA MET A 42 -3.87 -16.15 14.41
C MET A 42 -3.38 -17.54 13.99
N PRO A 43 -2.44 -18.13 14.75
CA PRO A 43 -1.94 -19.45 14.39
C PRO A 43 -3.07 -20.47 14.26
N THR A 44 -4.01 -20.44 15.21
CA THR A 44 -5.15 -21.35 15.20
C THR A 44 -6.03 -21.09 13.99
N LEU A 45 -6.29 -19.82 13.72
CA LEU A 45 -7.11 -19.44 12.58
C LEU A 45 -6.50 -19.94 11.28
N GLN A 46 -5.19 -19.73 11.11
CA GLN A 46 -4.50 -20.16 9.91
C GLN A 46 -4.43 -21.67 9.80
N GLY A 47 -4.51 -22.36 10.93
CA GLY A 47 -4.46 -23.81 10.91
C GLY A 47 -5.79 -24.39 10.46
N LEU A 48 -6.85 -23.61 10.55
CA LEU A 48 -8.18 -24.06 10.18
C LEU A 48 -8.63 -23.59 8.79
N LEU A 49 -8.09 -22.47 8.34
CA LEU A 49 -8.48 -21.92 7.05
C LEU A 49 -7.31 -21.68 6.11
N ASP A 50 -7.51 -21.93 4.82
CA ASP A 50 -6.47 -21.71 3.83
C ASP A 50 -6.35 -20.19 3.69
N PRO A 51 -5.24 -19.70 3.12
CA PRO A 51 -4.98 -18.28 2.93
C PRO A 51 -6.13 -17.44 2.39
N GLU A 52 -6.66 -17.80 1.23
CA GLU A 52 -7.75 -17.01 0.66
C GLU A 52 -9.01 -17.01 1.52
N SER A 53 -9.32 -18.15 2.14
CA SER A 53 -10.51 -18.21 2.98
C SER A 53 -10.31 -17.33 4.21
N ALA A 54 -9.10 -17.36 4.77
CA ALA A 54 -8.77 -16.57 5.93
C ALA A 54 -8.93 -15.10 5.58
N HIS A 55 -8.47 -14.73 4.38
CA HIS A 55 -8.57 -13.36 3.92
C HIS A 55 -10.02 -12.88 3.80
N ARG A 56 -10.85 -13.69 3.15
CA ARG A 56 -12.26 -13.34 2.98
C ARG A 56 -12.92 -13.12 4.33
N LEU A 57 -12.60 -13.98 5.29
CA LEU A 57 -13.15 -13.87 6.63
C LEU A 57 -12.65 -12.60 7.29
N ALA A 58 -11.38 -12.29 7.06
CA ALA A 58 -10.76 -11.10 7.61
C ALA A 58 -11.50 -9.85 7.14
N VAL A 59 -11.80 -9.81 5.85
CA VAL A 59 -12.51 -8.67 5.29
C VAL A 59 -13.90 -8.57 5.91
N ARG A 60 -14.60 -9.69 6.02
CA ARG A 60 -15.93 -9.70 6.61
C ARG A 60 -15.92 -9.20 8.06
N PHE A 61 -15.04 -9.78 8.87
CA PHE A 61 -14.95 -9.39 10.27
C PHE A 61 -14.61 -7.91 10.42
N THR A 62 -13.70 -7.44 9.58
CA THR A 62 -13.30 -6.04 9.65
C THR A 62 -14.46 -5.10 9.30
N SER A 63 -15.23 -5.45 8.28
CA SER A 63 -16.35 -4.61 7.87
C SER A 63 -17.47 -4.65 8.91
N LEU A 64 -17.52 -5.72 9.70
CA LEU A 64 -18.54 -5.87 10.74
C LEU A 64 -18.09 -5.27 12.07
N GLY A 65 -16.84 -4.79 12.12
CA GLY A 65 -16.32 -4.21 13.34
C GLY A 65 -15.92 -5.22 14.40
N LEU A 66 -15.82 -6.49 14.00
CA LEU A 66 -15.42 -7.55 14.93
C LEU A 66 -13.91 -7.47 15.07
N LEU A 67 -13.46 -6.49 15.86
CA LEU A 67 -12.03 -6.26 16.05
C LEU A 67 -11.68 -6.05 17.51
N PRO A 68 -10.43 -6.35 17.88
CA PRO A 68 -10.00 -6.16 19.27
C PRO A 68 -9.85 -4.65 19.46
N ARG A 69 -10.10 -4.17 20.67
CA ARG A 69 -10.01 -2.74 20.92
C ARG A 69 -8.62 -2.16 20.68
N ALA A 70 -8.57 -1.05 19.96
CA ALA A 70 -7.32 -0.38 19.64
C ALA A 70 -6.91 0.54 20.79
N ARG A 71 -6.24 -0.04 21.76
CA ARG A 71 -5.77 0.68 22.94
C ARG A 71 -4.96 1.94 22.66
N PHE A 72 -3.97 1.81 21.77
CA PHE A 72 -3.11 2.94 21.44
C PHE A 72 -3.83 4.20 20.96
N GLN A 73 -3.49 5.33 21.57
CA GLN A 73 -4.07 6.62 21.20
C GLN A 73 -2.98 7.41 20.47
N ASP A 74 -3.30 7.85 19.26
CA ASP A 74 -2.34 8.61 18.45
C ASP A 74 -1.94 9.92 19.10
N SER A 75 -0.63 10.18 19.11
CA SER A 75 -0.08 11.40 19.69
C SER A 75 0.28 12.34 18.56
N ASP A 76 0.45 13.62 18.89
CA ASP A 76 0.81 14.62 17.89
C ASP A 76 2.12 14.27 17.18
N MET A 77 2.98 13.53 17.87
CA MET A 77 4.27 13.11 17.30
C MET A 77 4.11 12.33 16.01
N LEU A 78 3.06 11.52 15.94
CA LEU A 78 2.81 10.68 14.77
C LEU A 78 2.11 11.36 13.61
N GLU A 79 1.62 12.58 13.83
CA GLU A 79 0.91 13.31 12.79
C GLU A 79 1.85 13.76 11.67
N VAL A 80 1.40 13.57 10.43
CA VAL A 80 2.19 13.94 9.27
C VAL A 80 1.33 14.67 8.25
N ARG A 81 1.88 15.73 7.66
CA ARG A 81 1.18 16.48 6.64
C ARG A 81 1.90 16.31 5.31
N VAL A 82 1.21 15.71 4.34
CA VAL A 82 1.80 15.47 3.03
C VAL A 82 0.68 15.18 2.03
N LEU A 83 1.00 15.26 0.75
CA LEU A 83 0.03 14.99 -0.31
C LEU A 83 -1.23 15.84 -0.18
N GLY A 84 -1.08 17.03 0.40
CA GLY A 84 -2.20 17.93 0.57
C GLY A 84 -3.20 17.49 1.62
N HIS A 85 -2.73 16.69 2.57
CA HIS A 85 -3.59 16.19 3.64
C HIS A 85 -2.87 15.96 4.95
N LYS A 86 -3.66 15.81 6.01
CA LYS A 86 -3.12 15.53 7.33
C LYS A 86 -3.36 14.05 7.61
N PHE A 87 -2.36 13.39 8.17
CA PHE A 87 -2.46 11.98 8.51
C PHE A 87 -2.23 11.87 10.02
N ARG A 88 -3.25 11.43 10.76
CA ARG A 88 -3.12 11.33 12.22
C ARG A 88 -1.93 10.46 12.63
N ASN A 89 -1.63 9.42 11.85
CA ASN A 89 -0.47 8.57 12.11
C ASN A 89 0.01 8.12 10.73
N PRO A 90 1.30 7.77 10.60
CA PRO A 90 1.88 7.34 9.32
C PRO A 90 1.74 5.87 8.93
N VAL A 91 0.93 5.11 9.65
CA VAL A 91 0.78 3.70 9.35
C VAL A 91 -0.52 3.36 8.62
N GLY A 92 -0.41 2.95 7.37
CA GLY A 92 -1.59 2.61 6.60
C GLY A 92 -1.67 1.16 6.17
N ILE A 93 -2.84 0.74 5.70
CA ILE A 93 -3.04 -0.62 5.22
C ILE A 93 -2.73 -0.57 3.73
N ALA A 94 -1.82 -1.42 3.28
CA ALA A 94 -1.44 -1.46 1.87
C ALA A 94 -2.55 -2.03 0.97
N ALA A 95 -2.46 -1.72 -0.31
CA ALA A 95 -3.43 -2.20 -1.28
C ALA A 95 -3.41 -3.72 -1.31
N GLY A 96 -4.55 -4.32 -1.67
CA GLY A 96 -4.61 -5.77 -1.72
C GLY A 96 -5.41 -6.41 -0.61
N PHE A 97 -5.48 -5.76 0.55
CA PHE A 97 -6.26 -6.34 1.64
C PHE A 97 -7.74 -6.07 1.39
N ASP A 98 -8.06 -4.81 1.12
CA ASP A 98 -9.44 -4.43 0.82
C ASP A 98 -9.46 -4.02 -0.65
N LYS A 99 -9.45 -5.03 -1.53
CA LYS A 99 -9.44 -4.81 -2.97
C LYS A 99 -10.67 -4.11 -3.54
N HIS A 100 -11.83 -4.36 -2.93
CA HIS A 100 -13.09 -3.81 -3.43
C HIS A 100 -13.74 -2.72 -2.58
N GLY A 101 -13.01 -2.20 -1.60
CA GLY A 101 -13.53 -1.15 -0.74
C GLY A 101 -14.68 -1.55 0.16
N GLU A 102 -14.60 -2.74 0.74
CA GLU A 102 -15.65 -3.25 1.62
C GLU A 102 -15.44 -3.08 3.11
N ALA A 103 -14.24 -2.71 3.53
CA ALA A 103 -13.97 -2.60 4.96
C ALA A 103 -13.21 -1.35 5.38
N VAL A 104 -13.33 -0.29 4.59
CA VAL A 104 -12.62 0.95 4.88
C VAL A 104 -12.80 1.44 6.32
N ASP A 105 -14.05 1.56 6.76
CA ASP A 105 -14.30 2.05 8.11
C ASP A 105 -13.74 1.12 9.19
N GLY A 106 -13.83 -0.19 8.97
CA GLY A 106 -13.30 -1.13 9.93
C GLY A 106 -11.78 -1.02 10.02
N LEU A 107 -11.15 -0.67 8.90
CA LEU A 107 -9.69 -0.52 8.89
C LEU A 107 -9.26 0.71 9.68
N TYR A 108 -10.04 1.79 9.62
CA TYR A 108 -9.70 2.97 10.41
C TYR A 108 -9.87 2.60 11.88
N LYS A 109 -10.89 1.81 12.18
CA LYS A 109 -11.14 1.39 13.55
C LYS A 109 -9.99 0.54 14.07
N MET A 110 -9.29 -0.13 13.15
CA MET A 110 -8.15 -0.97 13.51
C MET A 110 -6.97 -0.10 13.97
N GLY A 111 -6.98 1.17 13.57
CA GLY A 111 -5.91 2.06 13.97
C GLY A 111 -5.05 2.62 12.84
N PHE A 112 -5.35 2.24 11.61
CA PHE A 112 -4.56 2.74 10.48
C PHE A 112 -4.77 4.23 10.31
N GLY A 113 -3.70 4.95 10.01
CA GLY A 113 -3.78 6.39 9.81
C GLY A 113 -4.38 6.73 8.46
N PHE A 114 -4.35 5.78 7.54
CA PHE A 114 -4.94 5.97 6.22
C PHE A 114 -5.17 4.61 5.58
N VAL A 115 -6.15 4.56 4.69
CA VAL A 115 -6.52 3.32 4.03
C VAL A 115 -6.41 3.42 2.51
N GLU A 116 -5.88 2.37 1.90
CA GLU A 116 -5.77 2.33 0.45
C GLU A 116 -6.51 1.09 -0.04
N ILE A 117 -7.48 1.26 -0.91
CA ILE A 117 -8.23 0.13 -1.43
C ILE A 117 -7.75 -0.18 -2.85
N GLY A 118 -8.09 -1.37 -3.34
CA GLY A 118 -7.68 -1.76 -4.68
C GLY A 118 -6.67 -2.89 -4.62
N SER A 119 -6.06 -3.23 -5.75
CA SER A 119 -6.29 -2.54 -7.02
C SER A 119 -7.67 -2.81 -7.60
N VAL A 120 -8.21 -1.81 -8.28
CA VAL A 120 -9.52 -1.91 -8.92
C VAL A 120 -9.31 -1.82 -10.44
N THR A 121 -9.95 -2.72 -11.18
CA THR A 121 -9.84 -2.71 -12.64
C THR A 121 -11.11 -2.11 -13.23
N PRO A 122 -11.04 -1.60 -14.46
CA PRO A 122 -12.21 -1.00 -15.12
C PRO A 122 -13.43 -1.91 -15.10
N LYS A 123 -13.29 -3.10 -15.67
CA LYS A 123 -14.38 -4.06 -15.70
C LYS A 123 -14.12 -5.15 -14.66
N PRO A 124 -15.19 -5.82 -14.20
CA PRO A 124 -15.01 -6.88 -13.21
C PRO A 124 -14.24 -8.03 -13.84
N GLN A 125 -13.43 -8.72 -13.05
CA GLN A 125 -12.69 -9.88 -13.53
C GLN A 125 -12.37 -10.79 -12.36
N GLU A 126 -12.36 -12.09 -12.61
CA GLU A 126 -12.13 -13.10 -11.58
C GLU A 126 -10.71 -13.29 -11.07
N GLY A 127 -9.72 -12.99 -11.91
CA GLY A 127 -8.34 -13.20 -11.50
C GLY A 127 -7.93 -14.63 -11.81
N ASN A 128 -6.82 -15.07 -11.24
CA ASN A 128 -6.32 -16.43 -11.48
C ASN A 128 -7.07 -17.52 -10.72
N PRO A 129 -6.94 -18.77 -11.19
CA PRO A 129 -7.61 -19.89 -10.53
C PRO A 129 -6.97 -20.17 -9.17
N ARG A 130 -7.73 -20.76 -8.25
CA ARG A 130 -7.22 -21.05 -6.91
C ARG A 130 -6.62 -22.45 -6.83
N PRO A 131 -5.64 -22.66 -5.93
CA PRO A 131 -5.12 -21.64 -5.01
C PRO A 131 -4.22 -20.63 -5.71
N ARG A 132 -4.25 -19.38 -5.22
CA ARG A 132 -3.46 -18.31 -5.81
C ARG A 132 -2.76 -17.45 -4.76
N VAL A 133 -2.75 -17.92 -3.52
CA VAL A 133 -2.08 -17.22 -2.43
C VAL A 133 -1.50 -18.31 -1.53
N PHE A 134 -0.25 -18.13 -1.10
CA PHE A 134 0.42 -19.13 -0.28
C PHE A 134 1.19 -18.56 0.89
N ARG A 135 1.13 -19.26 2.01
CA ARG A 135 1.83 -18.84 3.22
C ARG A 135 3.20 -19.48 3.32
N LEU A 136 4.17 -18.70 3.80
CA LEU A 136 5.53 -19.17 4.02
C LEU A 136 5.82 -18.82 5.47
N PRO A 137 5.21 -19.56 6.41
CA PRO A 137 5.34 -19.36 7.85
C PRO A 137 6.78 -19.23 8.34
N GLU A 138 7.63 -20.13 7.88
CA GLU A 138 9.04 -20.12 8.27
C GLU A 138 9.77 -18.85 7.87
N ASP A 139 9.23 -18.12 6.90
CA ASP A 139 9.86 -16.90 6.41
C ASP A 139 9.07 -15.65 6.77
N GLN A 140 7.95 -15.83 7.45
CA GLN A 140 7.07 -14.72 7.80
C GLN A 140 6.82 -13.96 6.50
N ALA A 141 6.52 -14.74 5.46
CA ALA A 141 6.26 -14.20 4.14
C ALA A 141 5.02 -14.82 3.49
N VAL A 142 4.61 -14.23 2.38
CA VAL A 142 3.47 -14.70 1.62
C VAL A 142 3.80 -14.56 0.15
N ILE A 143 3.24 -15.44 -0.68
CA ILE A 143 3.43 -15.35 -2.13
C ILE A 143 2.01 -15.35 -2.68
N ASN A 144 1.71 -14.40 -3.54
CA ASN A 144 0.37 -14.34 -4.10
C ASN A 144 0.40 -14.07 -5.60
N ARG A 145 -0.58 -14.63 -6.29
CA ARG A 145 -0.74 -14.43 -7.72
C ARG A 145 -2.24 -14.31 -8.01
N TYR A 146 -2.91 -13.42 -7.27
CA TYR A 146 -4.34 -13.20 -7.43
C TYR A 146 -4.70 -12.86 -8.87
N GLY A 147 -3.90 -11.98 -9.47
CA GLY A 147 -4.16 -11.58 -10.85
C GLY A 147 -5.22 -10.50 -11.01
N PHE A 148 -5.27 -9.56 -10.06
CA PHE A 148 -6.25 -8.49 -10.14
C PHE A 148 -7.71 -8.93 -10.12
N ASN A 149 -8.09 -9.77 -9.14
CA ASN A 149 -9.45 -10.15 -9.03
C ASN A 149 -10.12 -8.86 -8.58
N SER A 150 -11.12 -8.37 -9.29
CA SER A 150 -11.73 -7.10 -8.93
C SER A 150 -13.22 -7.02 -9.24
N HIS A 151 -13.97 -6.35 -8.37
CA HIS A 151 -15.41 -6.17 -8.57
C HIS A 151 -15.63 -5.16 -9.70
N GLY A 152 -14.58 -4.47 -10.09
CA GLY A 152 -14.70 -3.48 -11.15
C GLY A 152 -15.00 -2.09 -10.64
N LEU A 153 -14.74 -1.09 -11.47
CA LEU A 153 -14.94 0.31 -11.12
C LEU A 153 -16.37 0.68 -10.69
N SER A 154 -17.35 0.24 -11.46
CA SER A 154 -18.75 0.57 -11.15
C SER A 154 -19.18 0.15 -9.75
N VAL A 155 -18.94 -1.10 -9.40
CA VAL A 155 -19.32 -1.58 -8.07
C VAL A 155 -18.61 -0.82 -6.96
N VAL A 156 -17.30 -0.64 -7.10
CA VAL A 156 -16.54 0.08 -6.09
C VAL A 156 -16.99 1.53 -6.01
N GLU A 157 -17.34 2.12 -7.15
CA GLU A 157 -17.80 3.51 -7.20
C GLU A 157 -19.02 3.70 -6.31
N HIS A 158 -20.02 2.87 -6.49
CA HIS A 158 -21.24 2.98 -5.70
C HIS A 158 -21.00 2.66 -4.23
N ARG A 159 -20.11 1.71 -3.97
CA ARG A 159 -19.79 1.34 -2.59
C ARG A 159 -19.14 2.53 -1.88
N LEU A 160 -18.25 3.24 -2.56
CA LEU A 160 -17.59 4.39 -1.96
C LEU A 160 -18.56 5.58 -1.87
N ARG A 161 -19.42 5.73 -2.87
CA ARG A 161 -20.39 6.83 -2.85
C ARG A 161 -21.33 6.74 -1.65
N ALA A 162 -21.63 5.51 -1.22
CA ALA A 162 -22.53 5.31 -0.09
C ALA A 162 -21.97 5.84 1.22
N ARG A 163 -20.67 6.15 1.25
CA ARG A 163 -20.03 6.66 2.46
C ARG A 163 -19.11 7.82 2.10
N GLN A 164 -19.37 8.46 0.97
CA GLN A 164 -18.54 9.56 0.50
C GLN A 164 -18.42 10.74 1.46
N GLN A 165 -19.54 11.16 2.04
CA GLN A 165 -19.49 12.28 2.97
C GLN A 165 -18.88 11.88 4.29
N LYS A 166 -19.10 10.62 4.69
CA LYS A 166 -18.52 10.13 5.92
C LYS A 166 -17.00 10.18 5.77
N GLN A 167 -16.53 9.84 4.57
CA GLN A 167 -15.09 9.85 4.27
C GLN A 167 -14.56 11.27 4.27
N ALA A 168 -15.35 12.20 3.74
CA ALA A 168 -14.95 13.60 3.70
C ALA A 168 -14.61 14.09 5.11
N LYS A 169 -15.41 13.67 6.09
CA LYS A 169 -15.18 14.05 7.48
C LYS A 169 -13.96 13.34 8.06
N LEU A 170 -13.79 12.06 7.69
CA LEU A 170 -12.65 11.29 8.16
C LEU A 170 -11.37 11.94 7.64
N THR A 171 -11.35 12.25 6.36
CA THR A 171 -10.19 12.88 5.73
C THR A 171 -9.86 14.20 6.44
N GLU A 172 -10.89 15.01 6.67
CA GLU A 172 -10.69 16.29 7.34
C GLU A 172 -10.18 16.03 8.77
N ASP A 173 -10.54 14.85 9.29
CA ASP A 173 -10.14 14.45 10.64
C ASP A 173 -8.72 13.88 10.65
N GLY A 174 -8.07 13.83 9.49
CA GLY A 174 -6.72 13.31 9.41
C GLY A 174 -6.64 11.83 9.07
N LEU A 175 -7.67 11.30 8.41
CA LEU A 175 -7.71 9.90 8.03
C LEU A 175 -8.07 9.77 6.54
N PRO A 176 -7.08 10.02 5.66
CA PRO A 176 -7.22 9.95 4.20
C PRO A 176 -7.51 8.58 3.61
N LEU A 177 -8.04 8.60 2.39
CA LEU A 177 -8.38 7.40 1.65
C LEU A 177 -7.66 7.40 0.31
N GLY A 178 -7.01 6.28 0.00
CA GLY A 178 -6.32 6.15 -1.27
C GLY A 178 -7.00 5.08 -2.10
N VAL A 179 -6.97 5.25 -3.42
CA VAL A 179 -7.57 4.28 -4.32
C VAL A 179 -6.52 3.83 -5.32
N ASN A 180 -6.25 2.54 -5.34
CA ASN A 180 -5.24 1.93 -6.20
C ASN A 180 -5.90 1.41 -7.49
N LEU A 181 -5.41 1.90 -8.63
CA LEU A 181 -5.96 1.53 -9.94
C LEU A 181 -5.14 0.49 -10.71
N GLY A 182 -5.85 -0.48 -11.28
CA GLY A 182 -5.20 -1.52 -12.05
C GLY A 182 -5.78 -1.54 -13.45
N LYS A 183 -5.46 -2.56 -14.23
CA LYS A 183 -5.98 -2.68 -15.59
C LYS A 183 -6.46 -4.09 -15.85
N ASN A 184 -7.44 -4.23 -16.74
CA ASN A 184 -7.98 -5.53 -17.07
C ASN A 184 -7.01 -6.39 -17.87
N LYS A 185 -7.08 -7.69 -17.63
CA LYS A 185 -6.25 -8.66 -18.31
C LYS A 185 -6.36 -8.58 -19.84
N THR A 186 -7.59 -8.52 -20.35
CA THR A 186 -7.79 -8.46 -21.80
C THR A 186 -7.96 -7.06 -22.36
N SER A 187 -7.39 -6.07 -21.67
CA SER A 187 -7.48 -4.69 -22.13
C SER A 187 -6.51 -4.44 -23.29
N VAL A 188 -6.99 -3.72 -24.31
CA VAL A 188 -6.17 -3.42 -25.48
C VAL A 188 -5.48 -2.06 -25.36
N ASP A 189 -5.92 -1.24 -24.41
CA ASP A 189 -5.34 0.07 -24.22
C ASP A 189 -5.08 0.31 -22.73
N ALA A 190 -3.89 -0.06 -22.26
CA ALA A 190 -3.52 0.10 -20.85
C ALA A 190 -3.75 1.51 -20.31
N ALA A 191 -3.26 2.50 -21.03
CA ALA A 191 -3.41 3.90 -20.61
C ALA A 191 -4.87 4.29 -20.43
N GLU A 192 -5.75 3.81 -21.31
CA GLU A 192 -7.16 4.14 -21.21
C GLU A 192 -7.79 3.50 -19.97
N ASP A 193 -7.34 2.30 -19.62
CA ASP A 193 -7.85 1.63 -18.43
C ASP A 193 -7.60 2.52 -17.22
N TYR A 194 -6.37 3.03 -17.10
CA TYR A 194 -6.04 3.90 -15.97
C TYR A 194 -6.79 5.22 -16.05
N ALA A 195 -6.94 5.75 -17.26
CA ALA A 195 -7.67 7.01 -17.44
C ALA A 195 -9.10 6.85 -16.94
N GLU A 196 -9.71 5.69 -17.22
CA GLU A 196 -11.07 5.41 -16.78
C GLU A 196 -11.13 5.40 -15.26
N GLY A 197 -10.15 4.75 -14.63
CA GLY A 197 -10.12 4.68 -13.19
C GLY A 197 -10.00 6.07 -12.57
N VAL A 198 -9.24 6.95 -13.21
CA VAL A 198 -9.07 8.30 -12.71
C VAL A 198 -10.41 9.05 -12.72
N ARG A 199 -11.13 8.93 -13.84
CA ARG A 199 -12.41 9.61 -13.97
C ARG A 199 -13.50 9.07 -13.06
N VAL A 200 -13.53 7.76 -12.87
CA VAL A 200 -14.56 7.13 -12.04
C VAL A 200 -14.30 7.16 -10.54
N LEU A 201 -13.10 6.79 -10.11
CA LEU A 201 -12.80 6.78 -8.68
C LEU A 201 -12.00 7.97 -8.17
N GLY A 202 -11.41 8.72 -9.10
CA GLY A 202 -10.64 9.89 -8.69
C GLY A 202 -11.43 10.87 -7.84
N PRO A 203 -12.70 11.13 -8.18
CA PRO A 203 -13.56 12.06 -7.43
C PRO A 203 -13.86 11.60 -5.99
N LEU A 204 -13.57 10.35 -5.71
CA LEU A 204 -13.83 9.79 -4.40
C LEU A 204 -12.58 9.52 -3.57
N ALA A 205 -11.41 9.81 -4.14
CA ALA A 205 -10.16 9.55 -3.45
C ALA A 205 -9.33 10.76 -3.08
N ASP A 206 -8.55 10.63 -2.01
CA ASP A 206 -7.67 11.71 -1.58
C ASP A 206 -6.43 11.57 -2.44
N TYR A 207 -6.08 10.33 -2.77
CA TYR A 207 -4.94 10.09 -3.66
C TYR A 207 -5.21 8.84 -4.47
N LEU A 208 -4.69 8.84 -5.70
CA LEU A 208 -4.84 7.71 -6.61
C LEU A 208 -3.48 7.08 -6.81
N VAL A 209 -3.47 5.77 -7.04
CA VAL A 209 -2.23 5.07 -7.26
C VAL A 209 -2.27 4.40 -8.62
N VAL A 210 -1.27 4.70 -9.46
CA VAL A 210 -1.20 4.07 -10.76
C VAL A 210 -0.29 2.88 -10.51
N ASN A 211 -0.90 1.71 -10.39
CA ASN A 211 -0.16 0.50 -10.11
C ASN A 211 0.34 -0.18 -11.37
N VAL A 212 1.62 0.02 -11.67
CA VAL A 212 2.24 -0.58 -12.83
C VAL A 212 3.33 -1.53 -12.36
N SER A 213 3.18 -2.05 -11.15
CA SER A 213 4.18 -2.94 -10.59
C SER A 213 3.68 -4.31 -10.14
N SER A 214 2.48 -4.69 -10.56
CA SER A 214 1.98 -6.00 -10.19
C SER A 214 2.79 -7.03 -10.96
N PRO A 215 3.27 -8.07 -10.26
CA PRO A 215 4.06 -9.10 -10.92
C PRO A 215 3.15 -10.17 -11.53
N ASN A 216 1.85 -10.00 -11.35
CA ASN A 216 0.88 -10.99 -11.83
C ASN A 216 0.00 -10.59 -13.01
N THR A 217 0.41 -9.57 -13.75
CA THR A 217 -0.35 -9.13 -14.91
C THR A 217 0.61 -8.98 -16.08
N ALA A 218 0.43 -9.83 -17.08
CA ALA A 218 1.27 -9.84 -18.29
C ALA A 218 1.55 -8.47 -18.87
N GLY A 219 2.84 -8.13 -18.93
CA GLY A 219 3.26 -6.86 -19.50
C GLY A 219 2.95 -5.60 -18.72
N LEU A 220 2.46 -5.74 -17.48
CA LEU A 220 2.13 -4.58 -16.67
C LEU A 220 3.37 -3.78 -16.24
N ARG A 221 4.35 -4.48 -15.69
CA ARG A 221 5.58 -3.84 -15.22
C ARG A 221 6.33 -3.15 -16.35
N SER A 222 6.01 -3.51 -17.59
CA SER A 222 6.66 -2.91 -18.76
C SER A 222 6.25 -1.44 -18.86
N LEU A 223 5.12 -1.11 -18.24
CA LEU A 223 4.62 0.27 -18.25
C LEU A 223 5.55 1.16 -17.42
N GLN A 224 6.49 0.53 -16.73
CA GLN A 224 7.46 1.24 -15.91
C GLN A 224 8.59 1.81 -16.77
N GLY A 225 8.58 1.46 -18.06
CA GLY A 225 9.59 1.96 -18.98
C GLY A 225 9.42 3.45 -19.19
N LYS A 226 10.51 4.16 -19.45
CA LYS A 226 10.46 5.61 -19.63
C LYS A 226 9.48 6.13 -20.68
N ALA A 227 9.62 5.66 -21.91
CA ALA A 227 8.75 6.10 -23.01
C ALA A 227 7.26 5.86 -22.69
N GLU A 228 6.92 4.61 -22.38
CA GLU A 228 5.54 4.25 -22.08
C GLU A 228 5.05 4.92 -20.80
N LEU A 229 5.91 4.99 -19.79
CA LEU A 229 5.53 5.60 -18.53
C LEU A 229 5.17 7.08 -18.69
N ARG A 230 5.98 7.82 -19.44
CA ARG A 230 5.72 9.24 -19.66
C ARG A 230 4.38 9.45 -20.35
N ARG A 231 4.12 8.67 -21.40
CA ARG A 231 2.87 8.79 -22.14
C ARG A 231 1.69 8.41 -21.25
N LEU A 232 1.84 7.32 -20.52
CA LEU A 232 0.80 6.84 -19.61
C LEU A 232 0.46 7.87 -18.54
N LEU A 233 1.48 8.37 -17.84
CA LEU A 233 1.28 9.34 -16.78
C LEU A 233 0.80 10.70 -17.26
N THR A 234 1.17 11.08 -18.48
CA THR A 234 0.74 12.36 -19.03
C THR A 234 -0.77 12.30 -19.20
N LYS A 235 -1.25 11.16 -19.69
CA LYS A 235 -2.67 10.95 -19.89
C LYS A 235 -3.40 10.93 -18.54
N VAL A 236 -2.83 10.21 -17.58
CA VAL A 236 -3.42 10.12 -16.25
C VAL A 236 -3.54 11.49 -15.59
N LEU A 237 -2.47 12.27 -15.64
CA LEU A 237 -2.47 13.60 -15.02
C LEU A 237 -3.44 14.55 -15.73
N GLN A 238 -3.60 14.40 -17.05
CA GLN A 238 -4.53 15.25 -17.77
C GLN A 238 -5.94 14.97 -17.27
N GLU A 239 -6.27 13.69 -17.14
CA GLU A 239 -7.60 13.31 -16.68
C GLU A 239 -7.84 13.78 -15.24
N ARG A 240 -6.81 13.66 -14.40
CA ARG A 240 -6.91 14.09 -13.01
C ARG A 240 -7.13 15.60 -12.95
N ASP A 241 -6.35 16.36 -13.72
CA ASP A 241 -6.47 17.81 -13.72
C ASP A 241 -7.84 18.28 -14.23
N GLY A 242 -8.50 17.42 -14.99
CA GLY A 242 -9.81 17.75 -15.52
C GLY A 242 -10.95 17.60 -14.52
N LEU A 243 -10.64 17.14 -13.32
CA LEU A 243 -11.66 16.96 -12.28
C LEU A 243 -11.85 18.24 -11.48
N ARG A 244 -13.05 18.45 -10.97
CA ARG A 244 -13.35 19.63 -10.17
C ARG A 244 -12.48 19.65 -8.92
N ARG A 245 -12.09 20.86 -8.53
CA ARG A 245 -11.22 21.11 -7.38
C ARG A 245 -11.32 20.18 -6.17
N VAL A 246 -12.48 20.15 -5.52
CA VAL A 246 -12.64 19.32 -4.34
C VAL A 246 -12.62 17.82 -4.63
N HIS A 247 -12.60 17.46 -5.91
CA HIS A 247 -12.59 16.06 -6.32
C HIS A 247 -11.32 15.71 -7.09
N ARG A 248 -10.28 16.52 -6.90
CA ARG A 248 -9.01 16.34 -7.58
C ARG A 248 -7.98 15.70 -6.64
N PRO A 249 -7.71 14.40 -6.82
CA PRO A 249 -6.76 13.68 -5.97
C PRO A 249 -5.30 13.81 -6.39
N ALA A 250 -4.42 13.51 -5.45
CA ALA A 250 -2.98 13.51 -5.73
C ALA A 250 -2.79 12.21 -6.49
N VAL A 251 -1.79 12.16 -7.36
CA VAL A 251 -1.53 10.95 -8.13
C VAL A 251 -0.14 10.40 -7.80
N LEU A 252 -0.08 9.14 -7.42
CA LEU A 252 1.19 8.49 -7.09
C LEU A 252 1.40 7.27 -7.97
N VAL A 253 2.64 6.87 -8.14
CA VAL A 253 2.95 5.69 -8.94
C VAL A 253 3.55 4.64 -8.00
N LYS A 254 3.03 3.41 -8.08
CA LYS A 254 3.53 2.34 -7.24
C LYS A 254 4.50 1.51 -8.09
N ILE A 255 5.74 1.40 -7.62
CA ILE A 255 6.77 0.68 -8.35
C ILE A 255 7.24 -0.62 -7.72
N ALA A 256 7.91 -1.43 -8.54
CA ALA A 256 8.41 -2.72 -8.09
C ALA A 256 9.75 -2.58 -7.37
N PRO A 257 10.14 -3.63 -6.62
CA PRO A 257 11.41 -3.63 -5.89
C PRO A 257 12.47 -4.31 -6.75
N ASP A 258 12.08 -4.71 -7.96
CA ASP A 258 12.96 -5.41 -8.88
C ASP A 258 13.43 -4.60 -10.10
N LEU A 259 13.39 -3.28 -9.98
CA LEU A 259 13.78 -2.42 -11.08
C LEU A 259 15.30 -2.31 -11.21
N THR A 260 15.78 -2.15 -12.44
CA THR A 260 17.22 -2.00 -12.65
C THR A 260 17.53 -0.57 -12.24
N SER A 261 18.81 -0.25 -12.09
CA SER A 261 19.21 1.10 -11.72
C SER A 261 18.71 2.08 -12.77
N GLN A 262 18.75 1.65 -14.02
CA GLN A 262 18.30 2.46 -15.15
C GLN A 262 16.81 2.74 -15.05
N ASP A 263 16.04 1.72 -14.68
CA ASP A 263 14.59 1.86 -14.55
C ASP A 263 14.26 2.95 -13.52
N LYS A 264 14.95 2.90 -12.39
CA LYS A 264 14.73 3.87 -11.32
C LYS A 264 15.09 5.28 -11.77
N GLU A 265 16.19 5.42 -12.50
CA GLU A 265 16.62 6.73 -13.00
C GLU A 265 15.53 7.30 -13.89
N ASP A 266 15.00 6.47 -14.77
CA ASP A 266 13.96 6.89 -15.70
C ASP A 266 12.69 7.30 -14.99
N ILE A 267 12.29 6.52 -13.99
CA ILE A 267 11.09 6.83 -13.23
C ILE A 267 11.27 8.18 -12.53
N ALA A 268 12.42 8.37 -11.91
CA ALA A 268 12.70 9.62 -11.21
C ALA A 268 12.62 10.79 -12.20
N SER A 269 13.20 10.59 -13.38
CA SER A 269 13.19 11.63 -14.41
C SER A 269 11.76 12.00 -14.83
N VAL A 270 10.96 10.99 -15.15
CA VAL A 270 9.57 11.23 -15.56
C VAL A 270 8.77 11.89 -14.45
N VAL A 271 8.96 11.42 -13.22
CA VAL A 271 8.28 11.98 -12.06
C VAL A 271 8.53 13.48 -11.97
N LYS A 272 9.80 13.85 -12.11
CA LYS A 272 10.20 15.25 -12.06
C LYS A 272 9.65 16.04 -13.23
N GLU A 273 9.74 15.46 -14.41
CA GLU A 273 9.28 16.12 -15.64
C GLU A 273 7.78 16.43 -15.62
N LEU A 274 6.97 15.47 -15.15
CA LEU A 274 5.52 15.65 -15.12
C LEU A 274 4.95 16.20 -13.83
N GLY A 275 5.74 16.19 -12.77
CA GLY A 275 5.24 16.69 -11.50
C GLY A 275 4.37 15.68 -10.78
N ILE A 276 4.70 14.39 -10.91
CA ILE A 276 3.93 13.35 -10.22
C ILE A 276 3.98 13.69 -8.73
N ASP A 277 2.87 13.54 -8.05
CA ASP A 277 2.78 13.88 -6.63
C ASP A 277 3.52 13.00 -5.63
N GLY A 278 3.71 11.73 -5.96
CA GLY A 278 4.41 10.87 -5.04
C GLY A 278 4.64 9.46 -5.56
N LEU A 279 5.33 8.65 -4.76
CA LEU A 279 5.63 7.28 -5.13
C LEU A 279 5.31 6.32 -4.00
N ILE A 280 4.89 5.11 -4.37
CA ILE A 280 4.64 4.08 -3.38
C ILE A 280 5.73 3.05 -3.68
N VAL A 281 6.55 2.79 -2.68
CA VAL A 281 7.71 1.91 -2.83
C VAL A 281 7.76 0.94 -1.65
N THR A 282 7.57 -0.37 -1.86
CA THR A 282 7.35 -1.00 -3.18
C THR A 282 6.23 -2.04 -3.17
N ASN A 283 6.02 -2.65 -4.33
CA ASN A 283 5.02 -3.71 -4.51
C ASN A 283 5.79 -4.99 -4.14
N THR A 284 5.20 -6.15 -4.41
CA THR A 284 5.87 -7.42 -4.10
C THR A 284 7.04 -7.71 -5.06
N THR A 285 7.92 -8.63 -4.67
CA THR A 285 9.08 -8.99 -5.49
C THR A 285 8.94 -10.34 -6.18
N VAL A 286 9.42 -10.41 -7.43
CA VAL A 286 9.39 -11.65 -8.18
C VAL A 286 10.71 -12.39 -7.93
N SER A 287 11.57 -11.79 -7.12
CA SER A 287 12.85 -12.41 -6.80
C SER A 287 12.59 -13.38 -5.67
N ARG A 288 13.53 -14.30 -5.46
CA ARG A 288 13.41 -15.26 -4.37
C ARG A 288 14.75 -15.22 -3.65
N PRO A 289 14.88 -14.34 -2.66
CA PRO A 289 16.11 -14.18 -1.88
C PRO A 289 16.62 -15.51 -1.37
N ALA A 290 17.93 -15.70 -1.43
CA ALA A 290 18.53 -16.93 -0.93
C ALA A 290 18.14 -17.00 0.55
N GLY A 291 17.87 -18.19 1.06
CA GLY A 291 17.50 -18.32 2.46
C GLY A 291 16.05 -18.65 2.75
N LEU A 292 15.16 -18.45 1.78
CA LEU A 292 13.74 -18.77 1.99
C LEU A 292 13.63 -20.25 2.37
N GLN A 293 12.84 -20.53 3.40
CA GLN A 293 12.66 -21.90 3.88
C GLN A 293 11.31 -22.53 3.58
N GLY A 294 10.30 -21.69 3.38
CA GLY A 294 8.96 -22.20 3.10
C GLY A 294 8.94 -23.22 1.99
N ALA A 295 8.13 -24.27 2.17
CA ALA A 295 8.03 -25.31 1.16
C ALA A 295 7.47 -24.75 -0.15
N LEU A 296 6.70 -23.68 -0.05
CA LEU A 296 6.08 -23.05 -1.20
C LEU A 296 6.86 -21.87 -1.79
N ARG A 297 8.14 -21.78 -1.47
CA ARG A 297 8.99 -20.69 -1.93
C ARG A 297 9.10 -20.56 -3.45
N SER A 298 8.92 -21.67 -4.17
CA SER A 298 9.02 -21.62 -5.63
C SER A 298 7.71 -21.46 -6.37
N GLU A 299 6.65 -21.09 -5.66
CA GLU A 299 5.36 -20.84 -6.29
C GLU A 299 5.51 -19.54 -7.07
N THR A 300 4.83 -19.44 -8.20
CA THR A 300 4.88 -18.22 -9.00
C THR A 300 4.08 -17.12 -8.32
N GLY A 301 4.57 -15.90 -8.38
CA GLY A 301 3.86 -14.79 -7.76
C GLY A 301 4.76 -13.78 -7.10
N GLY A 302 4.13 -12.80 -6.43
CA GLY A 302 4.89 -11.77 -5.75
C GLY A 302 5.11 -12.14 -4.30
N LEU A 303 6.36 -12.01 -3.86
CA LEU A 303 6.74 -12.32 -2.48
C LEU A 303 6.64 -11.07 -1.60
N SER A 304 6.03 -11.22 -0.43
CA SER A 304 5.88 -10.11 0.51
C SER A 304 6.37 -10.54 1.90
N GLY A 305 6.38 -9.60 2.85
CA GLY A 305 6.82 -9.95 4.18
C GLY A 305 8.28 -9.65 4.48
N LYS A 306 8.80 -10.24 5.55
CA LYS A 306 10.18 -10.00 5.97
C LYS A 306 11.26 -10.11 4.89
N PRO A 307 11.19 -11.14 4.04
CA PRO A 307 12.19 -11.31 2.97
C PRO A 307 12.28 -10.12 2.01
N LEU A 308 11.21 -9.35 1.93
CA LEU A 308 11.14 -8.18 1.05
C LEU A 308 11.53 -6.89 1.75
N ARG A 309 11.42 -6.87 3.06
CA ARG A 309 11.68 -5.66 3.85
C ARG A 309 12.85 -4.77 3.43
N ASP A 310 14.08 -5.27 3.54
CA ASP A 310 15.24 -4.46 3.22
C ASP A 310 15.38 -4.11 1.74
N LEU A 311 14.91 -4.99 0.86
CA LEU A 311 14.97 -4.70 -0.57
C LEU A 311 14.10 -3.46 -0.81
N SER A 312 12.97 -3.40 -0.12
CA SER A 312 12.04 -2.26 -0.24
C SER A 312 12.66 -1.01 0.36
N THR A 313 13.23 -1.14 1.56
CA THR A 313 13.84 0.00 2.23
C THR A 313 14.93 0.61 1.34
N GLN A 314 15.75 -0.23 0.74
CA GLN A 314 16.82 0.25 -0.13
C GLN A 314 16.25 0.93 -1.38
N THR A 315 15.11 0.46 -1.87
CA THR A 315 14.50 1.06 -3.06
C THR A 315 13.99 2.45 -2.67
N ILE A 316 13.45 2.58 -1.46
CA ILE A 316 12.96 3.86 -0.97
C ILE A 316 14.13 4.83 -0.86
N ARG A 317 15.23 4.34 -0.30
CA ARG A 317 16.43 5.13 -0.13
C ARG A 317 16.92 5.71 -1.46
N GLU A 318 16.99 4.86 -2.49
CA GLU A 318 17.44 5.28 -3.80
C GLU A 318 16.48 6.27 -4.47
N MET A 319 15.17 6.00 -4.41
CA MET A 319 14.21 6.91 -5.04
C MET A 319 14.22 8.28 -4.35
N TYR A 320 14.40 8.29 -3.04
CA TYR A 320 14.43 9.54 -2.28
C TYR A 320 15.61 10.38 -2.80
N ALA A 321 16.77 9.75 -2.95
CA ALA A 321 17.96 10.45 -3.43
C ALA A 321 17.79 10.92 -4.88
N LEU A 322 17.27 10.04 -5.73
CA LEU A 322 17.06 10.40 -7.13
C LEU A 322 16.10 11.56 -7.30
N THR A 323 15.13 11.69 -6.41
CA THR A 323 14.15 12.78 -6.48
C THR A 323 14.53 13.93 -5.56
N GLN A 324 15.73 13.87 -5.00
CA GLN A 324 16.26 14.89 -4.11
C GLN A 324 15.36 15.20 -2.92
N GLY A 325 14.63 14.20 -2.46
CA GLY A 325 13.74 14.37 -1.32
C GLY A 325 12.58 15.33 -1.54
N ARG A 326 12.29 15.64 -2.81
CA ARG A 326 11.21 16.56 -3.14
C ARG A 326 9.91 15.85 -3.51
N VAL A 327 9.94 14.52 -3.52
CA VAL A 327 8.77 13.73 -3.88
C VAL A 327 8.35 12.78 -2.75
N PRO A 328 7.18 13.02 -2.15
CA PRO A 328 6.65 12.19 -1.07
C PRO A 328 6.68 10.71 -1.42
N ILE A 329 7.15 9.89 -0.49
CA ILE A 329 7.23 8.46 -0.71
C ILE A 329 6.49 7.68 0.38
N ILE A 330 5.64 6.75 -0.04
CA ILE A 330 4.93 5.90 0.92
C ILE A 330 5.72 4.59 0.88
N GLY A 331 6.34 4.26 2.01
CA GLY A 331 7.16 3.06 2.09
C GLY A 331 6.36 1.82 2.45
N VAL A 332 6.54 0.76 1.67
CA VAL A 332 5.80 -0.48 1.89
C VAL A 332 6.67 -1.69 1.61
N GLY A 333 6.56 -2.71 2.44
CA GLY A 333 7.34 -3.92 2.24
C GLY A 333 7.98 -4.44 3.52
N GLY A 334 7.42 -5.50 4.07
CA GLY A 334 7.97 -6.10 5.28
C GLY A 334 7.94 -5.30 6.56
N VAL A 335 7.01 -4.36 6.69
CA VAL A 335 6.92 -3.58 7.92
C VAL A 335 6.10 -4.36 8.95
N SER A 336 6.74 -4.72 10.05
CA SER A 336 6.08 -5.48 11.11
C SER A 336 6.36 -4.94 12.52
N SER A 337 7.18 -3.89 12.60
CA SER A 337 7.54 -3.31 13.89
C SER A 337 7.85 -1.82 13.76
N GLY A 338 8.02 -1.16 14.89
CA GLY A 338 8.34 0.26 14.87
C GLY A 338 9.69 0.48 14.21
N GLN A 339 10.62 -0.43 14.45
CA GLN A 339 11.95 -0.29 13.85
C GLN A 339 11.85 -0.38 12.33
N ASP A 340 11.04 -1.32 11.83
CA ASP A 340 10.88 -1.47 10.39
C ASP A 340 10.32 -0.18 9.81
N ALA A 341 9.32 0.38 10.50
CA ALA A 341 8.70 1.62 10.03
C ALA A 341 9.70 2.79 10.05
N LEU A 342 10.40 2.96 11.16
CA LEU A 342 11.36 4.05 11.27
C LEU A 342 12.51 3.93 10.25
N GLU A 343 12.95 2.71 9.97
CA GLU A 343 14.04 2.55 9.00
C GLU A 343 13.60 3.07 7.64
N LYS A 344 12.35 2.82 7.27
CA LYS A 344 11.83 3.28 6.00
C LYS A 344 11.67 4.81 6.00
N ILE A 345 11.21 5.35 7.11
CA ILE A 345 11.03 6.80 7.24
C ILE A 345 12.40 7.49 7.16
N ARG A 346 13.37 6.97 7.89
CA ARG A 346 14.72 7.53 7.87
C ARG A 346 15.33 7.40 6.47
N ALA A 347 14.90 6.39 5.72
CA ALA A 347 15.40 6.17 4.37
C ALA A 347 14.74 7.12 3.37
N GLY A 348 13.64 7.77 3.79
CA GLY A 348 12.98 8.71 2.90
C GLY A 348 11.47 8.64 2.81
N ALA A 349 10.84 7.69 3.49
CA ALA A 349 9.38 7.59 3.44
C ALA A 349 8.69 8.57 4.38
N SER A 350 7.64 9.22 3.89
CA SER A 350 6.86 10.18 4.69
C SER A 350 5.75 9.40 5.42
N LEU A 351 5.38 8.26 4.84
CA LEU A 351 4.34 7.39 5.39
C LEU A 351 4.74 5.96 5.06
N VAL A 352 4.16 4.99 5.77
CA VAL A 352 4.45 3.58 5.50
C VAL A 352 3.13 2.80 5.50
N GLN A 353 3.17 1.61 4.91
CA GLN A 353 2.00 0.74 4.87
C GLN A 353 2.46 -0.67 5.18
N LEU A 354 1.51 -1.54 5.53
CA LEU A 354 1.81 -2.93 5.83
C LEU A 354 0.60 -3.75 5.44
N TYR A 355 0.82 -5.04 5.21
CA TYR A 355 -0.25 -5.95 4.88
C TYR A 355 0.12 -7.31 5.44
N THR A 356 1.18 -7.92 4.92
CA THR A 356 1.61 -9.24 5.37
C THR A 356 1.73 -9.37 6.89
N ALA A 357 2.25 -8.36 7.56
CA ALA A 357 2.38 -8.43 9.01
C ALA A 357 1.01 -8.63 9.67
N LEU A 358 -0.01 -8.05 9.07
CA LEU A 358 -1.37 -8.18 9.60
C LEU A 358 -1.84 -9.64 9.48
N THR A 359 -1.46 -10.29 8.39
CA THR A 359 -1.88 -11.67 8.17
C THR A 359 -1.27 -12.63 9.18
N PHE A 360 -0.11 -12.28 9.74
CA PHE A 360 0.54 -13.14 10.72
C PHE A 360 0.21 -12.80 12.17
N TRP A 361 0.27 -11.52 12.51
CA TRP A 361 0.04 -11.08 13.88
C TRP A 361 -1.36 -10.56 14.19
N GLY A 362 -2.17 -10.32 13.17
CA GLY A 362 -3.52 -9.83 13.41
C GLY A 362 -3.60 -8.35 13.70
N PRO A 363 -4.81 -7.81 13.90
CA PRO A 363 -5.10 -6.40 14.18
C PRO A 363 -4.20 -5.70 15.22
N PRO A 364 -3.82 -6.40 16.29
CA PRO A 364 -2.97 -5.79 17.32
C PRO A 364 -1.63 -5.26 16.80
N VAL A 365 -1.17 -5.77 15.66
CA VAL A 365 0.11 -5.33 15.12
C VAL A 365 0.11 -3.85 14.75
N VAL A 366 -1.06 -3.30 14.44
CA VAL A 366 -1.14 -1.88 14.09
C VAL A 366 -0.75 -1.00 15.27
N GLY A 367 -1.33 -1.30 16.44
CA GLY A 367 -1.00 -0.52 17.62
C GLY A 367 0.43 -0.75 18.04
N LYS A 368 0.92 -1.97 17.88
CA LYS A 368 2.29 -2.31 18.24
C LYS A 368 3.27 -1.46 17.45
N VAL A 369 3.09 -1.42 16.14
CA VAL A 369 3.97 -0.64 15.28
C VAL A 369 3.95 0.84 15.66
N LYS A 370 2.76 1.39 15.90
CA LYS A 370 2.66 2.80 16.26
C LYS A 370 3.34 3.10 17.60
N ARG A 371 3.11 2.25 18.59
CA ARG A 371 3.72 2.45 19.91
C ARG A 371 5.24 2.35 19.84
N GLU A 372 5.75 1.36 19.12
CA GLU A 372 7.19 1.19 19.01
C GLU A 372 7.82 2.33 18.22
N LEU A 373 7.12 2.81 17.19
CA LEU A 373 7.62 3.91 16.38
C LEU A 373 7.74 5.17 17.23
N GLU A 374 6.70 5.47 18.00
CA GLU A 374 6.72 6.66 18.85
C GLU A 374 7.90 6.60 19.82
N ALA A 375 8.09 5.44 20.46
CA ALA A 375 9.18 5.27 21.40
C ALA A 375 10.55 5.47 20.74
N LEU A 376 10.74 4.87 19.57
CA LEU A 376 11.99 5.00 18.85
C LEU A 376 12.27 6.43 18.41
N LEU A 377 11.23 7.15 17.99
CA LEU A 377 11.39 8.54 17.59
C LEU A 377 11.98 9.35 18.75
N LYS A 378 11.38 9.20 19.92
CA LYS A 378 11.84 9.90 21.12
C LYS A 378 13.26 9.49 21.44
N GLU A 379 13.48 8.18 21.49
CA GLU A 379 14.77 7.60 21.79
C GLU A 379 15.88 8.10 20.87
N GLN A 380 15.53 8.42 19.62
CA GLN A 380 16.53 8.89 18.67
C GLN A 380 16.55 10.42 18.51
N GLY A 381 15.86 11.11 19.42
CA GLY A 381 15.85 12.56 19.40
C GLY A 381 15.01 13.29 18.36
N PHE A 382 14.01 12.62 17.80
CA PHE A 382 13.17 13.27 16.80
C PHE A 382 11.93 13.85 17.48
N GLY A 383 11.61 15.10 17.15
CA GLY A 383 10.45 15.73 17.73
C GLY A 383 9.18 15.07 17.24
N GLY A 384 9.27 14.45 16.07
CA GLY A 384 8.12 13.78 15.49
C GLY A 384 8.50 13.09 14.19
N VAL A 385 7.55 12.39 13.58
CA VAL A 385 7.78 11.68 12.32
C VAL A 385 8.39 12.57 11.24
N THR A 386 7.81 13.75 11.06
CA THR A 386 8.28 14.69 10.05
C THR A 386 9.77 14.97 10.14
N ASP A 387 10.27 15.08 11.34
CA ASP A 387 11.70 15.36 11.57
C ASP A 387 12.59 14.21 11.13
N ALA A 388 12.05 12.98 11.17
CA ALA A 388 12.83 11.80 10.81
C ALA A 388 12.82 11.44 9.33
N ILE A 389 11.90 12.01 8.57
CA ILE A 389 11.83 11.69 7.14
C ILE A 389 13.15 11.99 6.42
N GLY A 390 13.76 10.94 5.88
CA GLY A 390 15.01 11.11 5.16
C GLY A 390 16.24 11.38 6.02
N ALA A 391 16.13 11.22 7.33
CA ALA A 391 17.25 11.48 8.24
C ALA A 391 18.58 10.81 7.90
N ASP A 392 18.54 9.59 7.38
CA ASP A 392 19.77 8.87 7.03
C ASP A 392 20.60 9.62 5.98
N HIS A 393 19.92 10.30 5.06
CA HIS A 393 20.60 11.03 3.99
C HIS A 393 21.32 12.29 4.49
N ARG A 394 21.01 12.71 5.71
CA ARG A 394 21.62 13.92 6.25
C ARG A 394 22.77 13.69 7.24
N ARG A 395 23.13 12.43 7.48
CA ARG A 395 24.20 12.15 8.43
C ARG A 395 25.56 11.97 7.77
C ACT B . 19.29 -1.06 4.42
O ACT B . 20.48 -1.07 4.88
OXT ACT B . 18.60 -0.03 4.21
CH3 ACT B . 18.71 -2.43 4.10
S SO4 C . -18.42 19.89 -5.98
O1 SO4 C . -17.95 20.74 -4.88
O2 SO4 C . -17.35 19.75 -6.98
O3 SO4 C . -18.78 18.57 -5.45
O4 SO4 C . -19.61 20.50 -6.60
S SO4 D . -9.54 25.34 -10.04
O1 SO4 D . -8.53 24.60 -9.25
O2 SO4 D . -9.81 24.63 -11.30
O3 SO4 D . -10.79 25.44 -9.27
O4 SO4 D . -9.04 26.69 -10.34
S SO4 E . -22.41 -3.96 -1.01
O1 SO4 E . -21.93 -4.78 0.11
O2 SO4 E . -22.21 -4.69 -2.27
O3 SO4 E . -23.85 -3.69 -0.83
O4 SO4 E . -21.67 -2.69 -1.05
S SO4 F . -11.16 -21.47 -9.24
O1 SO4 F . -10.40 -22.67 -8.84
O2 SO4 F . -10.92 -21.19 -10.67
O3 SO4 F . -12.59 -21.71 -9.02
O4 SO4 F . -10.73 -20.32 -8.43
S SO4 G . 19.93 1.17 -7.49
O1 SO4 G . 21.26 0.88 -6.94
O2 SO4 G . 19.50 0.04 -8.34
O3 SO4 G . 18.97 1.36 -6.39
O4 SO4 G . 19.99 2.40 -8.31
N1 FMN H . -0.52 -4.16 -4.27
C2 FMN H . -1.22 -3.39 -5.16
O2 FMN H . -0.83 -2.32 -5.59
N3 FMN H . -2.48 -3.89 -5.62
C4 FMN H . -3.04 -5.07 -5.24
O4 FMN H . -4.14 -5.41 -5.69
C4A FMN H . -2.29 -5.89 -4.28
N5 FMN H . -2.77 -7.06 -3.84
C5A FMN H . -2.04 -7.80 -2.93
C6 FMN H . -2.52 -9.07 -2.40
C7 FMN H . -1.83 -9.83 -1.47
C7M FMN H . -2.35 -11.17 -0.93
C8 FMN H . -0.54 -9.33 -0.98
C8M FMN H . 0.29 -10.08 0.04
C9 FMN H . -0.06 -8.13 -1.48
C9A FMN H . -0.75 -7.34 -2.42
N10 FMN H . -0.28 -6.08 -2.93
C10 FMN H . -0.98 -5.32 -3.83
C1' FMN H . 1.04 -5.58 -2.46
C2' FMN H . 1.01 -4.83 -1.15
O2' FMN H . 0.20 -3.62 -1.28
C3' FMN H . 2.44 -4.38 -0.72
O3' FMN H . 3.00 -3.51 -1.76
C4' FMN H . 3.43 -5.54 -0.52
O4' FMN H . 2.73 -6.75 -0.11
C5' FMN H . 4.51 -5.27 0.49
O5' FMN H . 4.00 -5.06 1.81
P FMN H . 3.92 -6.17 2.96
O1P FMN H . 2.78 -7.09 2.55
O2P FMN H . 3.61 -5.42 4.21
O3P FMN H . 5.28 -6.88 2.94
N1 ORO I . -0.42 -9.01 -6.29
C2 ORO I . 0.61 -8.22 -5.79
O2 ORO I . 1.43 -8.66 -4.99
N3 ORO I . 0.67 -6.90 -6.25
C4 ORO I . -0.21 -6.32 -7.16
O4 ORO I . -0.10 -5.16 -7.50
C5 ORO I . -1.28 -7.20 -7.65
C6 ORO I . -1.33 -8.47 -7.19
C7 ORO I . -2.39 -9.47 -7.67
O71 ORO I . -2.09 -10.60 -8.01
O72 ORO I . -3.53 -8.92 -7.63
C1 ILF J . -10.19 -9.46 13.21
C2 ILF J . -9.43 -10.65 13.60
C8 ILF J . -8.53 -11.23 12.58
C9 ILF J . -8.38 -10.65 11.25
C10 ILF J . -7.53 -11.19 10.22
C11 ILF J . -9.18 -9.45 10.94
C12 ILF J . -10.07 -8.88 11.91
C13 ILF J . -6.61 -10.34 9.44
C14 ILF J . -5.80 -10.88 8.40
C16 ILF J . -5.87 -12.32 8.09
C20 ILF J . -7.57 -12.61 9.90
C21 ILF J . -5.25 -12.56 5.68
C22 ILF J . -4.48 -13.11 4.60
C24 ILF J . -4.39 -12.39 3.36
C27 ILF J . -3.73 -14.33 4.57
O3 ILF J . -9.47 -11.29 14.82
C4 ILF J . -10.57 -12.24 14.94
F5 ILF J . -11.78 -11.64 14.81
F6 ILF J . -10.47 -13.24 14.01
F7 ILF J . -10.51 -12.80 16.17
F15 ILF J . -4.98 -10.06 7.73
N17 ILF J . -5.10 -12.87 7.06
C18 ILF J . -6.76 -13.17 8.84
F19 ILF J . -6.85 -14.46 8.60
O23 ILF J . -6.16 -11.72 5.38
C25 ILF J . -3.62 -12.99 2.38
S26 ILF J . -3.04 -14.43 3.04
C28 ILF J . -3.51 -15.36 5.53
O29 ILF J . -4.19 -15.48 6.56
O30 ILF J . -2.53 -16.26 5.32
#